data_5SWK
#
_entry.id   5SWK
#
_cell.length_a   87.361
_cell.length_b   87.361
_cell.length_c   160.840
_cell.angle_alpha   90.000
_cell.angle_beta   90.000
_cell.angle_gamma   90.000
#
_symmetry.space_group_name_H-M   'P 43 21 2'
#
loop_
_entity.id
_entity.type
_entity.pdbx_description
1 polymer 'E3 ubiquitin-protein ligase Mdm2'
2 polymer 'De novo protein based on the inhibitor Amoebiasin-1'
3 non-polymer 'CHLORIDE ION'
4 non-polymer 'SULFATE ION'
5 non-polymer GLYCEROL
6 water water
#
loop_
_entity_poly.entity_id
_entity_poly.type
_entity_poly.pdbx_seq_one_letter_code
_entity_poly.pdbx_strand_id
1 'polypeptide(L)'
;GPHMCNTNMSVPTDGAVTTSQIPASEQETLVRPKPLLLKLLKSVGAQKDTYTMKEVLFYLGQYIMTKRLYDEKQQHIVYC
SNDLLGDLFGVPSFSVKEHRKIYTMIYRNLVVVNQQESSDSGTSVSENRCHLEGGSDQKDLVQELQEEKPSSS
;
A,B
2 'polypeptide(L)'
;GPHMSLTEDNNNTTITIAKGENKEIILHGNPTTGYSWVVDSSEGLSNTVEYVADQHAPGISGSGGKYHIKITGTQTGEGK
IVLVYRRTSFAEYWNLLSPDRTFTLKVNVQ
;
C,D
#
loop_
_chem_comp.id
_chem_comp.type
_chem_comp.name
_chem_comp.formula
CL non-polymer 'CHLORIDE ION' 'Cl -1'
GOL non-polymer GLYCEROL 'C3 H8 O3'
SO4 non-polymer 'SULFATE ION' 'O4 S -2'
#
# COMPACT_ATOMS: atom_id res chain seq x y z
N LEU A 30 -10.10 -15.25 19.74
CA LEU A 30 -8.94 -15.55 20.58
C LEU A 30 -8.46 -16.98 20.36
N VAL A 31 -7.17 -17.13 20.07
CA VAL A 31 -6.62 -18.44 19.72
C VAL A 31 -5.35 -18.75 20.49
N ARG A 32 -5.04 -20.04 20.60
CA ARG A 32 -3.82 -20.48 21.26
C ARG A 32 -2.94 -21.28 20.28
N PRO A 33 -1.85 -20.64 19.81
CA PRO A 33 -0.93 -21.28 18.86
C PRO A 33 -0.32 -22.56 19.42
N LYS A 34 -0.29 -23.61 18.61
CA LYS A 34 0.40 -24.83 18.99
C LYS A 34 1.91 -24.58 19.02
N PRO A 35 2.70 -25.45 19.67
CA PRO A 35 4.11 -25.17 19.97
C PRO A 35 4.98 -24.67 18.81
N LEU A 36 4.89 -25.28 17.64
CA LEU A 36 5.74 -24.87 16.53
C LEU A 36 5.39 -23.46 16.05
N LEU A 37 4.11 -23.19 15.92
CA LEU A 37 3.65 -21.86 15.53
C LEU A 37 4.03 -20.85 16.60
N LEU A 38 3.90 -21.24 17.85
CA LEU A 38 4.22 -20.34 18.94
C LEU A 38 5.69 -19.95 18.89
N LYS A 39 6.55 -20.93 18.64
CA LYS A 39 7.98 -20.70 18.51
C LYS A 39 8.31 -19.70 17.41
N LEU A 40 7.63 -19.80 16.27
CA LEU A 40 7.82 -18.84 15.18
C LEU A 40 7.45 -17.42 15.60
N LEU A 41 6.26 -17.25 16.14
CA LEU A 41 5.80 -15.92 16.56
C LEU A 41 6.74 -15.30 17.58
N LYS A 42 7.24 -16.11 18.51
CA LYS A 42 8.09 -15.58 19.58
C LYS A 42 9.47 -15.21 19.08
N SER A 43 9.90 -15.82 17.97
CA SER A 43 11.21 -15.52 17.41
C SER A 43 11.24 -14.12 16.79
N VAL A 44 10.07 -13.51 16.63
CA VAL A 44 10.00 -12.16 16.12
C VAL A 44 9.25 -11.23 17.09
N GLY A 45 9.31 -11.53 18.38
CA GLY A 45 8.89 -10.60 19.41
C GLY A 45 7.63 -10.90 20.19
N ALA A 46 6.83 -11.87 19.73
CA ALA A 46 5.60 -12.22 20.45
C ALA A 46 5.93 -12.66 21.87
N GLN A 47 5.09 -12.25 22.82
CA GLN A 47 5.37 -12.51 24.23
C GLN A 47 4.40 -13.52 24.84
N LYS A 48 3.13 -13.43 24.45
CA LYS A 48 2.08 -14.18 25.14
C LYS A 48 1.84 -15.58 24.58
N ASP A 49 0.79 -16.22 25.07
CA ASP A 49 0.41 -17.56 24.63
C ASP A 49 -0.94 -17.55 23.94
N THR A 50 -1.73 -16.52 24.21
CA THR A 50 -3.06 -16.39 23.62
C THR A 50 -3.12 -15.14 22.73
N TYR A 51 -3.79 -15.25 21.59
CA TYR A 51 -3.76 -14.18 20.59
C TYR A 51 -5.11 -14.04 19.90
N THR A 52 -5.30 -12.92 19.23
CA THR A 52 -6.35 -12.82 18.22
C THR A 52 -5.73 -13.27 16.89
N MET A 53 -6.57 -13.63 15.94
CA MET A 53 -6.11 -13.97 14.60
C MET A 53 -5.32 -12.82 13.97
N LYS A 54 -5.75 -11.60 14.26
CA LYS A 54 -5.11 -10.42 13.69
C LYS A 54 -3.66 -10.37 14.14
N GLU A 55 -3.43 -10.66 15.42
CA GLU A 55 -2.08 -10.68 15.97
C GLU A 55 -1.24 -11.81 15.37
N VAL A 56 -1.84 -13.00 15.26
CA VAL A 56 -1.12 -14.13 14.68
C VAL A 56 -0.67 -13.77 13.27
N LEU A 57 -1.59 -13.21 12.49
CA LEU A 57 -1.29 -12.77 11.13
C LEU A 57 -0.19 -11.69 11.13
N PHE A 58 -0.22 -10.80 12.11
CA PHE A 58 0.82 -9.78 12.19
C PHE A 58 2.21 -10.40 12.38
N TYR A 59 2.35 -11.29 13.36
CA TYR A 59 3.67 -11.84 13.65
C TYR A 59 4.14 -12.80 12.56
N LEU A 60 3.20 -13.43 11.88
CA LEU A 60 3.53 -14.33 10.77
C LEU A 60 4.14 -13.47 9.64
N GLY A 61 3.51 -12.32 9.39
CA GLY A 61 4.05 -11.33 8.47
C GLY A 61 5.45 -10.84 8.85
N GLN A 62 5.62 -10.50 10.13
CA GLN A 62 6.93 -10.12 10.67
C GLN A 62 7.98 -11.20 10.39
N TYR A 63 7.58 -12.45 10.60
CA TYR A 63 8.48 -13.58 10.45
C TYR A 63 8.93 -13.70 8.99
N ILE A 64 7.95 -13.69 8.09
CA ILE A 64 8.22 -13.84 6.65
C ILE A 64 9.07 -12.69 6.13
N MET A 65 8.73 -11.47 6.54
CA MET A 65 9.50 -10.31 6.13
C MET A 65 10.93 -10.32 6.69
N THR A 66 11.08 -10.67 7.96
CA THR A 66 12.39 -10.66 8.61
C THR A 66 13.34 -11.68 7.97
N LYS A 67 12.84 -12.87 7.68
CA LYS A 67 13.69 -13.90 7.09
C LYS A 67 13.67 -13.83 5.56
N ARG A 68 12.94 -12.85 5.04
CA ARG A 68 12.89 -12.58 3.60
C ARG A 68 12.58 -13.86 2.79
N LEU A 69 11.49 -14.51 3.14
CA LEU A 69 11.08 -15.76 2.49
C LEU A 69 10.27 -15.55 1.22
N TYR A 70 9.82 -14.31 0.99
CA TYR A 70 8.99 -14.06 -0.17
C TYR A 70 9.88 -13.88 -1.40
N ASP A 71 9.34 -14.22 -2.56
CA ASP A 71 10.08 -14.07 -3.82
C ASP A 71 10.25 -12.59 -4.17
N GLU A 72 11.41 -12.21 -4.67
CA GLU A 72 11.67 -10.80 -5.00
C GLU A 72 10.77 -10.26 -6.13
N LYS A 73 10.57 -11.06 -7.17
CA LYS A 73 9.86 -10.60 -8.36
C LYS A 73 8.35 -10.76 -8.25
N GLN A 74 7.92 -11.80 -7.54
CA GLN A 74 6.50 -12.02 -7.31
C GLN A 74 6.30 -12.18 -5.81
N GLN A 75 6.03 -11.05 -5.14
CA GLN A 75 6.25 -11.01 -3.70
C GLN A 75 5.12 -11.66 -2.92
N HIS A 76 4.12 -12.16 -3.63
CA HIS A 76 3.07 -12.96 -2.99
C HIS A 76 3.52 -14.42 -2.80
N ILE A 77 4.60 -14.80 -3.47
CA ILE A 77 5.08 -16.17 -3.34
C ILE A 77 6.02 -16.28 -2.15
N VAL A 78 5.68 -17.14 -1.20
CA VAL A 78 6.55 -17.37 -0.05
C VAL A 78 7.21 -18.74 -0.15
N TYR A 79 8.54 -18.77 -0.27
CA TYR A 79 9.31 -20.03 -0.26
C TYR A 79 9.67 -20.42 1.15
N CYS A 80 9.29 -21.61 1.57
CA CYS A 80 9.55 -22.01 2.94
C CYS A 80 10.02 -23.45 3.07
N SER A 81 10.44 -24.05 1.96
CA SER A 81 10.74 -25.49 1.96
C SER A 81 11.96 -25.82 2.82
N ASN A 82 12.78 -24.81 3.10
CA ASN A 82 13.95 -25.00 3.96
C ASN A 82 13.80 -24.19 5.26
N ASP A 83 12.56 -23.94 5.67
CA ASP A 83 12.28 -23.13 6.84
C ASP A 83 11.27 -23.85 7.70
N LEU A 84 11.29 -23.61 9.00
CA LEU A 84 10.32 -24.23 9.89
C LEU A 84 8.87 -23.88 9.50
N LEU A 85 8.67 -22.74 8.85
CA LEU A 85 7.32 -22.38 8.39
C LEU A 85 6.82 -23.42 7.38
N GLY A 86 7.73 -23.95 6.59
CA GLY A 86 7.38 -25.01 5.65
C GLY A 86 6.92 -26.27 6.35
N ASP A 87 7.67 -26.69 7.37
CA ASP A 87 7.30 -27.84 8.19
C ASP A 87 5.93 -27.63 8.82
N LEU A 88 5.74 -26.45 9.40
CA LEU A 88 4.49 -26.08 10.05
C LEU A 88 3.30 -26.12 9.11
N PHE A 89 3.41 -25.42 7.99
CA PHE A 89 2.31 -25.37 7.02
C PHE A 89 2.24 -26.64 6.18
N GLY A 90 3.34 -27.38 6.10
CA GLY A 90 3.38 -28.60 5.32
C GLY A 90 3.43 -28.38 3.82
N VAL A 91 4.18 -27.36 3.41
CA VAL A 91 4.27 -26.97 2.01
C VAL A 91 5.67 -26.50 1.68
N PRO A 92 6.06 -26.60 0.40
CA PRO A 92 7.36 -26.06 -0.03
C PRO A 92 7.27 -24.55 -0.25
N SER A 93 6.08 -24.10 -0.63
CA SER A 93 5.81 -22.68 -0.86
C SER A 93 4.31 -22.49 -0.86
N PHE A 94 3.88 -21.24 -0.69
CA PHE A 94 2.47 -20.92 -0.84
C PHE A 94 2.36 -19.50 -1.36
N SER A 95 1.20 -19.15 -1.89
CA SER A 95 0.96 -17.79 -2.35
C SER A 95 0.09 -17.01 -1.37
N VAL A 96 0.45 -15.77 -1.12
CA VAL A 96 -0.31 -14.92 -0.19
C VAL A 96 -1.69 -14.58 -0.76
N LYS A 97 -1.86 -14.72 -2.07
CA LYS A 97 -3.16 -14.49 -2.69
C LYS A 97 -4.24 -15.50 -2.27
N GLU A 98 -3.81 -16.69 -1.85
CA GLU A 98 -4.78 -17.73 -1.50
C GLU A 98 -5.21 -17.59 -0.04
N HIS A 99 -6.13 -16.66 0.22
CA HIS A 99 -6.48 -16.28 1.58
C HIS A 99 -7.07 -17.43 2.41
N ARG A 100 -8.03 -18.15 1.84
CA ARG A 100 -8.67 -19.25 2.53
C ARG A 100 -7.67 -20.33 2.93
N LYS A 101 -6.80 -20.70 1.98
CA LYS A 101 -5.75 -21.68 2.23
C LYS A 101 -4.85 -21.27 3.39
N ILE A 102 -4.45 -20.01 3.42
CA ILE A 102 -3.58 -19.53 4.49
C ILE A 102 -4.28 -19.58 5.83
N TYR A 103 -5.53 -19.11 5.89
CA TYR A 103 -6.30 -19.19 7.12
C TYR A 103 -6.41 -20.65 7.57
N THR A 104 -6.70 -21.53 6.61
CA THR A 104 -6.78 -22.95 6.91
C THR A 104 -5.48 -23.50 7.50
N MET A 105 -4.34 -23.14 6.91
CA MET A 105 -3.05 -23.66 7.38
C MET A 105 -2.76 -23.14 8.78
N ILE A 106 -3.13 -21.90 9.03
CA ILE A 106 -2.95 -21.31 10.35
C ILE A 106 -3.86 -21.98 11.39
N TYR A 107 -5.15 -22.12 11.06
CA TYR A 107 -6.13 -22.78 11.94
C TYR A 107 -5.71 -24.19 12.36
N ARG A 108 -5.08 -24.94 11.46
CA ARG A 108 -4.63 -26.29 11.77
C ARG A 108 -3.59 -26.29 12.86
N ASN A 109 -2.96 -25.14 13.08
CA ASN A 109 -1.84 -25.07 14.01
C ASN A 109 -2.13 -24.22 15.25
N LEU A 110 -3.40 -24.12 15.61
CA LEU A 110 -3.78 -23.45 16.84
C LEU A 110 -5.04 -24.09 17.42
N VAL A 111 -5.31 -23.81 18.69
CA VAL A 111 -6.57 -24.19 19.32
C VAL A 111 -7.38 -22.93 19.58
N VAL A 112 -8.60 -22.91 19.05
CA VAL A 112 -9.48 -21.76 19.24
C VAL A 112 -9.93 -21.70 20.70
N VAL A 113 -9.37 -20.74 21.44
CA VAL A 113 -9.68 -20.58 22.86
C VAL A 113 -11.11 -20.07 23.06
N THR B 29 24.35 4.62 -7.90
CA THR B 29 24.87 5.30 -6.71
C THR B 29 25.36 4.30 -5.65
N LEU B 30 26.67 4.05 -5.64
CA LEU B 30 27.29 3.15 -4.67
C LEU B 30 27.82 3.92 -3.46
N VAL B 31 27.59 3.37 -2.27
CA VAL B 31 27.97 4.05 -1.04
C VAL B 31 28.66 3.09 -0.07
N ARG B 32 29.53 3.62 0.77
CA ARG B 32 30.11 2.85 1.86
C ARG B 32 29.62 3.40 3.20
N PRO B 33 28.77 2.64 3.90
CA PRO B 33 28.23 3.08 5.20
C PRO B 33 29.32 3.19 6.24
N LYS B 34 29.22 4.23 7.07
CA LYS B 34 30.12 4.42 8.20
C LYS B 34 29.83 3.32 9.23
N PRO B 35 30.68 3.18 10.27
CA PRO B 35 30.60 1.96 11.09
C PRO B 35 29.26 1.70 11.82
N LEU B 36 28.60 2.73 12.35
CA LEU B 36 27.34 2.48 13.05
C LEU B 36 26.29 1.97 12.06
N LEU B 37 26.19 2.63 10.91
CA LEU B 37 25.19 2.25 9.94
C LEU B 37 25.49 0.85 9.41
N LEU B 38 26.77 0.56 9.22
CA LEU B 38 27.18 -0.77 8.76
C LEU B 38 26.77 -1.84 9.77
N LYS B 39 26.99 -1.57 11.05
CA LYS B 39 26.57 -2.50 12.11
C LYS B 39 25.06 -2.75 12.09
N LEU B 40 24.29 -1.70 11.82
CA LEU B 40 22.84 -1.84 11.70
C LEU B 40 22.46 -2.71 10.50
N LEU B 41 23.06 -2.43 9.35
CA LEU B 41 22.74 -3.18 8.14
C LEU B 41 23.11 -4.65 8.28
N LYS B 42 24.25 -4.93 8.91
CA LYS B 42 24.70 -6.31 9.06
C LYS B 42 23.86 -7.06 10.08
N SER B 43 23.24 -6.33 11.01
CA SER B 43 22.41 -6.99 12.03
C SER B 43 21.12 -7.55 11.43
N VAL B 44 20.75 -7.10 10.23
CA VAL B 44 19.57 -7.65 9.57
C VAL B 44 19.92 -8.41 8.29
N GLY B 45 21.16 -8.89 8.20
CA GLY B 45 21.51 -9.86 7.17
C GLY B 45 22.35 -9.38 6.02
N ALA B 46 22.73 -8.11 6.02
CA ALA B 46 23.63 -7.59 4.99
C ALA B 46 25.04 -8.11 5.26
N GLN B 47 25.78 -8.41 4.21
CA GLN B 47 27.10 -9.00 4.38
C GLN B 47 28.21 -8.27 3.62
N LYS B 48 27.89 -7.09 3.10
CA LYS B 48 28.86 -6.34 2.30
C LYS B 48 29.33 -5.07 2.99
N ASP B 49 30.32 -4.41 2.41
CA ASP B 49 30.80 -3.14 2.93
C ASP B 49 30.36 -2.01 2.01
N THR B 50 29.93 -2.38 0.81
CA THR B 50 29.49 -1.42 -0.19
C THR B 50 28.08 -1.77 -0.63
N TYR B 51 27.24 -0.75 -0.82
CA TYR B 51 25.83 -0.95 -1.10
C TYR B 51 25.34 0.07 -2.12
N THR B 52 24.21 -0.23 -2.73
CA THR B 52 23.48 0.79 -3.47
C THR B 52 22.58 1.50 -2.46
N MET B 53 22.08 2.68 -2.81
CA MET B 53 21.17 3.39 -1.92
C MET B 53 19.90 2.58 -1.75
N LYS B 54 19.49 1.90 -2.83
CA LYS B 54 18.31 1.05 -2.78
C LYS B 54 18.45 -0.02 -1.69
N GLU B 55 19.62 -0.63 -1.61
CA GLU B 55 19.90 -1.63 -0.59
C GLU B 55 19.92 -1.01 0.82
N VAL B 56 20.55 0.14 0.96
CA VAL B 56 20.60 0.81 2.27
C VAL B 56 19.19 1.07 2.78
N LEU B 57 18.33 1.63 1.92
CA LEU B 57 16.95 1.89 2.33
C LEU B 57 16.21 0.62 2.66
N PHE B 58 16.48 -0.45 1.90
CA PHE B 58 15.80 -1.71 2.15
C PHE B 58 16.14 -2.26 3.53
N TYR B 59 17.43 -2.29 3.85
CA TYR B 59 17.86 -2.91 5.10
C TYR B 59 17.47 -2.04 6.30
N LEU B 60 17.46 -0.74 6.10
CA LEU B 60 17.07 0.17 7.18
C LEU B 60 15.58 -0.03 7.47
N GLY B 61 14.79 -0.24 6.42
CA GLY B 61 13.38 -0.59 6.58
C GLY B 61 13.17 -1.92 7.28
N GLN B 62 13.95 -2.93 6.88
CA GLN B 62 13.91 -4.24 7.53
C GLN B 62 14.16 -4.11 9.03
N TYR B 63 15.20 -3.35 9.37
CA TYR B 63 15.60 -3.13 10.74
C TYR B 63 14.45 -2.54 11.58
N ILE B 64 13.88 -1.45 11.08
CA ILE B 64 12.78 -0.77 11.79
C ILE B 64 11.55 -1.67 11.92
N MET B 65 11.29 -2.46 10.87
CA MET B 65 10.17 -3.39 10.88
C MET B 65 10.40 -4.50 11.91
N THR B 66 11.59 -5.09 11.88
CA THR B 66 11.90 -6.24 12.71
C THR B 66 11.86 -5.92 14.20
N LYS B 67 12.36 -4.74 14.54
CA LYS B 67 12.40 -4.33 15.92
C LYS B 67 11.15 -3.54 16.30
N ARG B 68 10.26 -3.35 15.34
N ARG B 68 10.27 -3.34 15.32
CA ARG B 68 8.99 -2.66 15.54
CA ARG B 68 8.99 -2.65 15.53
C ARG B 68 9.21 -1.31 16.23
C ARG B 68 9.21 -1.31 16.22
N LEU B 69 10.09 -0.49 15.66
CA LEU B 69 10.43 0.79 16.25
C LEU B 69 9.39 1.86 15.95
N TYR B 70 8.54 1.60 14.96
CA TYR B 70 7.53 2.57 14.55
C TYR B 70 6.35 2.58 15.52
N ASP B 71 5.66 3.70 15.57
CA ASP B 71 4.48 3.85 16.41
C ASP B 71 3.28 3.09 15.83
N GLU B 72 2.54 2.37 16.66
CA GLU B 72 1.44 1.56 16.16
C GLU B 72 0.30 2.39 15.55
N LYS B 73 -0.01 3.54 16.17
CA LYS B 73 -1.15 4.33 15.75
C LYS B 73 -0.80 5.30 14.63
N GLN B 74 0.45 5.75 14.62
CA GLN B 74 0.96 6.67 13.60
C GLN B 74 2.25 6.12 13.04
N GLN B 75 2.15 5.24 12.05
CA GLN B 75 3.24 4.33 11.78
C GLN B 75 4.36 4.96 10.99
N HIS B 76 4.24 6.25 10.70
CA HIS B 76 5.35 6.99 10.12
C HIS B 76 6.31 7.51 11.20
N ILE B 77 5.90 7.42 12.47
CA ILE B 77 6.76 7.89 13.57
C ILE B 77 7.61 6.76 14.08
N VAL B 78 8.93 6.95 14.02
CA VAL B 78 9.87 5.94 14.49
C VAL B 78 10.56 6.38 15.79
N TYR B 79 10.37 5.62 16.87
CA TYR B 79 11.06 5.88 18.15
C TYR B 79 12.36 5.14 18.18
N CYS B 80 13.44 5.85 18.45
CA CYS B 80 14.77 5.23 18.40
C CYS B 80 15.74 5.77 19.46
N SER B 81 15.23 6.48 20.46
CA SER B 81 16.10 7.15 21.43
C SER B 81 16.96 6.17 22.23
N ASN B 82 16.47 4.96 22.44
CA ASN B 82 17.23 3.94 23.14
C ASN B 82 17.79 2.91 22.17
N ASP B 83 17.94 3.31 20.90
CA ASP B 83 18.35 2.37 19.88
C ASP B 83 19.60 2.84 19.14
N LEU B 84 20.37 1.88 18.62
CA LEU B 84 21.48 2.16 17.72
C LEU B 84 21.07 3.15 16.61
N LEU B 85 19.87 3.00 16.07
CA LEU B 85 19.39 3.92 15.04
C LEU B 85 19.33 5.37 15.54
N GLY B 86 18.89 5.56 16.77
CA GLY B 86 18.84 6.91 17.34
C GLY B 86 20.22 7.52 17.47
N ASP B 87 21.20 6.69 17.82
CA ASP B 87 22.58 7.14 17.94
C ASP B 87 23.13 7.65 16.61
N LEU B 88 22.93 6.89 15.55
CA LEU B 88 23.55 7.24 14.28
C LEU B 88 22.80 8.37 13.62
N PHE B 89 21.49 8.44 13.81
CA PHE B 89 20.72 9.58 13.29
C PHE B 89 20.85 10.79 14.21
N GLY B 90 21.21 10.56 15.47
CA GLY B 90 21.31 11.64 16.45
C GLY B 90 19.97 12.29 16.78
N VAL B 91 18.91 11.49 16.90
CA VAL B 91 17.59 12.01 17.24
C VAL B 91 16.88 11.04 18.18
N PRO B 92 15.90 11.54 18.95
CA PRO B 92 15.09 10.65 19.78
C PRO B 92 14.01 9.92 18.98
N SER B 93 13.52 10.58 17.93
CA SER B 93 12.55 9.96 17.02
C SER B 93 12.54 10.77 15.73
N PHE B 94 11.97 10.19 14.67
CA PHE B 94 11.81 10.91 13.42
C PHE B 94 10.55 10.44 12.72
N SER B 95 10.11 11.20 11.74
CA SER B 95 8.96 10.83 10.92
C SER B 95 9.39 10.43 9.52
N VAL B 96 8.88 9.29 9.05
CA VAL B 96 9.17 8.81 7.71
C VAL B 96 8.58 9.75 6.66
N LYS B 97 7.63 10.59 7.06
CA LYS B 97 7.04 11.54 6.11
C LYS B 97 8.02 12.65 5.71
N GLU B 98 9.05 12.85 6.53
CA GLU B 98 10.00 13.93 6.25
C GLU B 98 11.16 13.37 5.44
N HIS B 99 10.93 13.25 4.13
CA HIS B 99 11.82 12.52 3.23
C HIS B 99 13.22 13.13 3.18
N ARG B 100 13.30 14.44 3.01
CA ARG B 100 14.62 15.07 2.87
C ARG B 100 15.41 14.96 4.16
N LYS B 101 14.73 15.04 5.31
CA LYS B 101 15.40 14.84 6.59
C LYS B 101 15.98 13.44 6.70
N ILE B 102 15.19 12.44 6.32
CA ILE B 102 15.63 11.04 6.31
C ILE B 102 16.86 10.84 5.44
N TYR B 103 16.79 11.32 4.21
CA TYR B 103 17.92 11.16 3.30
C TYR B 103 19.15 11.89 3.84
N THR B 104 18.94 13.05 4.44
CA THR B 104 20.06 13.79 5.02
C THR B 104 20.73 12.99 6.14
N MET B 105 19.91 12.40 7.00
CA MET B 105 20.46 11.63 8.12
C MET B 105 21.20 10.40 7.61
N ILE B 106 20.66 9.75 6.59
CA ILE B 106 21.31 8.58 5.99
C ILE B 106 22.63 9.00 5.35
N TYR B 107 22.62 10.11 4.61
CA TYR B 107 23.80 10.55 3.87
C TYR B 107 24.97 10.91 4.78
N ARG B 108 24.65 11.43 5.96
CA ARG B 108 25.67 11.75 6.95
C ARG B 108 26.34 10.50 7.48
N ASN B 109 25.75 9.33 7.19
CA ASN B 109 26.27 8.08 7.71
C ASN B 109 26.89 7.17 6.65
N LEU B 110 27.28 7.77 5.54
CA LEU B 110 27.92 7.00 4.47
C LEU B 110 28.80 7.91 3.65
N VAL B 111 29.61 7.31 2.79
CA VAL B 111 30.40 8.05 1.82
C VAL B 111 30.13 7.44 0.44
N VAL B 112 29.87 8.29 -0.55
CA VAL B 112 29.63 7.80 -1.90
C VAL B 112 30.94 7.34 -2.52
N VAL B 113 30.90 6.18 -3.17
CA VAL B 113 32.04 5.63 -3.89
C VAL B 113 32.08 6.13 -5.33
N SER C 5 0.11 7.88 -31.71
CA SER C 5 0.13 7.44 -30.31
C SER C 5 0.99 8.35 -29.44
N LEU C 6 0.78 8.26 -28.14
CA LEU C 6 1.57 9.02 -27.18
C LEU C 6 2.63 8.11 -26.58
N THR C 7 3.73 8.69 -26.14
CA THR C 7 4.80 7.91 -25.52
C THR C 7 5.36 8.63 -24.32
N GLU C 8 6.49 8.13 -23.81
CA GLU C 8 7.20 8.76 -22.72
C GLU C 8 7.57 10.20 -23.06
N ASP C 9 7.72 10.50 -24.35
CA ASP C 9 7.99 11.85 -24.81
C ASP C 9 6.93 12.83 -24.30
N ASN C 10 5.69 12.35 -24.19
CA ASN C 10 4.57 13.18 -23.81
C ASN C 10 4.31 13.23 -22.32
N ASN C 11 5.24 12.68 -21.53
CA ASN C 11 5.10 12.69 -20.08
C ASN C 11 5.05 14.13 -19.54
N ASN C 12 4.15 14.36 -18.59
CA ASN C 12 3.96 15.66 -17.94
C ASN C 12 3.55 16.77 -18.91
N THR C 13 2.69 16.43 -19.87
CA THR C 13 2.16 17.42 -20.80
C THR C 13 0.65 17.45 -20.74
N THR C 14 0.05 18.33 -21.55
CA THR C 14 -1.40 18.43 -21.64
C THR C 14 -1.86 18.26 -23.09
N ILE C 15 -2.89 17.46 -23.30
CA ILE C 15 -3.49 17.32 -24.62
C ILE C 15 -4.97 17.67 -24.56
N THR C 16 -5.58 17.80 -25.73
CA THR C 16 -7.00 18.13 -25.80
C THR C 16 -7.70 17.24 -26.81
N ILE C 17 -8.60 16.40 -26.32
CA ILE C 17 -9.38 15.53 -27.18
C ILE C 17 -10.87 15.83 -27.07
N ALA C 18 -11.65 15.31 -28.00
CA ALA C 18 -13.11 15.47 -27.96
C ALA C 18 -13.72 14.34 -27.14
N LYS C 19 -14.90 14.60 -26.58
CA LYS C 19 -15.62 13.58 -25.82
C LYS C 19 -15.98 12.43 -26.74
N GLY C 20 -15.53 11.24 -26.37
CA GLY C 20 -15.77 10.04 -27.17
C GLY C 20 -14.58 9.70 -28.04
N GLU C 21 -13.63 10.63 -28.15
CA GLU C 21 -12.43 10.38 -28.94
C GLU C 21 -11.46 9.49 -28.15
N ASN C 22 -10.70 8.68 -28.89
CA ASN C 22 -9.76 7.75 -28.29
C ASN C 22 -8.32 8.17 -28.53
N LYS C 23 -7.43 7.81 -27.60
CA LYS C 23 -6.01 8.00 -27.78
C LYS C 23 -5.25 6.81 -27.19
N GLU C 24 -4.06 6.56 -27.72
CA GLU C 24 -3.25 5.45 -27.23
C GLU C 24 -1.93 5.94 -26.65
N ILE C 25 -1.62 5.45 -25.45
CA ILE C 25 -0.34 5.69 -24.84
C ILE C 25 0.48 4.41 -24.91
N ILE C 26 1.73 4.52 -25.31
CA ILE C 26 2.59 3.34 -25.39
C ILE C 26 3.83 3.55 -24.54
N LEU C 27 4.04 2.64 -23.61
CA LEU C 27 5.15 2.74 -22.66
C LEU C 27 5.88 1.42 -22.58
N HIS C 28 7.21 1.46 -22.57
CA HIS C 28 8.00 0.25 -22.44
C HIS C 28 7.99 -0.28 -21.01
N GLY C 29 7.91 -1.60 -20.87
CA GLY C 29 8.00 -2.23 -19.56
C GLY C 29 8.51 -3.64 -19.73
N ASN C 30 8.88 -4.28 -18.63
CA ASN C 30 9.39 -5.65 -18.69
C ASN C 30 8.84 -6.47 -17.54
N PRO C 31 7.66 -7.07 -17.74
CA PRO C 31 6.95 -7.79 -16.67
C PRO C 31 7.67 -9.04 -16.16
N THR C 32 8.75 -9.45 -16.82
CA THR C 32 9.52 -10.58 -16.31
C THR C 32 10.24 -10.18 -15.01
N THR C 33 10.33 -8.87 -14.76
CA THR C 33 10.92 -8.36 -13.52
C THR C 33 9.93 -8.36 -12.37
N GLY C 34 8.65 -8.57 -12.69
CA GLY C 34 7.62 -8.39 -11.68
C GLY C 34 6.99 -7.01 -11.71
N TYR C 35 7.62 -6.04 -12.35
CA TYR C 35 7.04 -4.71 -12.51
C TYR C 35 6.06 -4.68 -13.68
N SER C 36 5.09 -3.78 -13.60
CA SER C 36 4.21 -3.50 -14.73
C SER C 36 3.68 -2.08 -14.64
N TRP C 37 3.22 -1.53 -15.75
CA TRP C 37 2.51 -0.25 -15.75
C TRP C 37 1.05 -0.45 -15.35
N VAL C 38 0.62 0.25 -14.31
CA VAL C 38 -0.75 0.18 -13.86
C VAL C 38 -1.35 1.57 -13.76
N VAL C 39 -2.67 1.67 -13.89
CA VAL C 39 -3.34 2.97 -13.80
C VAL C 39 -3.53 3.37 -12.34
N ASP C 40 -2.93 4.49 -11.95
CA ASP C 40 -3.05 4.97 -10.58
C ASP C 40 -4.34 5.79 -10.37
N SER C 41 -4.70 6.59 -11.36
CA SER C 41 -5.97 7.33 -11.34
C SER C 41 -6.32 7.77 -12.75
N SER C 42 -7.60 8.05 -12.99
CA SER C 42 -8.09 8.28 -14.36
C SER C 42 -9.37 9.12 -14.42
N GLU C 43 -9.28 10.39 -14.03
CA GLU C 43 -10.44 11.29 -14.03
C GLU C 43 -10.81 11.78 -15.43
N GLY C 44 -12.08 11.66 -15.78
CA GLY C 44 -12.60 12.16 -17.04
C GLY C 44 -12.39 11.20 -18.20
N LEU C 45 -11.73 10.09 -17.92
CA LEU C 45 -11.33 9.14 -18.96
C LEU C 45 -11.66 7.70 -18.57
N SER C 46 -12.00 6.90 -19.57
CA SER C 46 -12.00 5.46 -19.39
C SER C 46 -10.72 4.92 -20.00
N ASN C 47 -10.28 3.74 -19.59
CA ASN C 47 -9.05 3.18 -20.14
C ASN C 47 -9.01 1.66 -20.19
N THR C 48 -8.12 1.15 -21.04
CA THR C 48 -7.75 -0.26 -21.03
C THR C 48 -6.22 -0.38 -21.09
N VAL C 49 -5.68 -1.40 -20.43
CA VAL C 49 -4.25 -1.65 -20.43
C VAL C 49 -3.94 -3.04 -20.96
N GLU C 50 -3.05 -3.12 -21.95
CA GLU C 50 -2.65 -4.40 -22.52
C GLU C 50 -1.14 -4.44 -22.74
N TYR C 51 -0.52 -5.53 -22.31
CA TYR C 51 0.89 -5.76 -22.58
C TYR C 51 1.12 -6.56 -23.88
N VAL C 52 2.03 -6.06 -24.72
CA VAL C 52 2.44 -6.76 -25.94
C VAL C 52 3.95 -6.95 -25.94
N ALA C 53 4.40 -8.19 -25.87
CA ALA C 53 5.84 -8.46 -25.83
C ALA C 53 6.51 -8.10 -27.17
N ASP C 54 7.74 -7.60 -27.11
N ASP C 54 7.73 -7.57 -27.11
CA ASP C 54 8.50 -7.27 -28.31
CA ASP C 54 8.47 -7.24 -28.33
C ASP C 54 8.84 -8.55 -29.07
C ASP C 54 8.86 -8.51 -29.08
N GLN C 55 8.20 -8.75 -30.21
CA GLN C 55 8.40 -9.97 -30.98
C GLN C 55 9.70 -9.96 -31.78
N HIS C 56 10.35 -8.79 -31.86
CA HIS C 56 11.59 -8.66 -32.60
C HIS C 56 12.65 -7.93 -31.77
N SER C 63 14.23 -8.31 -23.00
CA SER C 63 13.77 -7.46 -24.11
C SER C 63 12.57 -6.61 -23.71
N GLY C 64 11.68 -7.18 -22.90
CA GLY C 64 10.49 -6.47 -22.46
C GLY C 64 9.48 -6.30 -23.58
N GLY C 65 8.67 -5.26 -23.48
CA GLY C 65 7.64 -5.02 -24.46
C GLY C 65 6.97 -3.68 -24.28
N LYS C 66 5.77 -3.55 -24.82
CA LYS C 66 5.05 -2.28 -24.76
C LYS C 66 3.72 -2.45 -24.05
N TYR C 67 3.45 -1.55 -23.12
CA TYR C 67 2.11 -1.46 -22.55
C TYR C 67 1.30 -0.50 -23.40
N HIS C 68 0.15 -0.97 -23.85
CA HIS C 68 -0.76 -0.12 -24.60
C HIS C 68 -1.88 0.32 -23.68
N ILE C 69 -1.89 1.61 -23.38
CA ILE C 69 -2.93 2.20 -22.56
C ILE C 69 -3.85 3.03 -23.45
N LYS C 70 -5.01 2.48 -23.78
CA LYS C 70 -5.98 3.20 -24.59
C LYS C 70 -6.90 4.00 -23.69
N ILE C 71 -7.03 5.29 -23.95
CA ILE C 71 -7.94 6.11 -23.18
C ILE C 71 -9.01 6.72 -24.07
N THR C 72 -10.16 7.02 -23.49
CA THR C 72 -11.26 7.64 -24.20
C THR C 72 -11.88 8.74 -23.35
N GLY C 73 -12.07 9.92 -23.94
CA GLY C 73 -12.69 11.03 -23.23
C GLY C 73 -14.13 10.71 -22.91
N THR C 74 -14.44 10.57 -21.63
CA THR C 74 -15.77 10.15 -21.19
C THR C 74 -16.55 11.26 -20.51
N GLN C 75 -15.85 12.35 -20.18
CA GLN C 75 -16.49 13.48 -19.53
C GLN C 75 -15.82 14.79 -19.93
N THR C 76 -16.61 15.72 -20.47
CA THR C 76 -16.12 17.03 -20.85
C THR C 76 -15.51 17.74 -19.64
N GLY C 77 -14.30 18.27 -19.81
CA GLY C 77 -13.62 18.96 -18.74
C GLY C 77 -12.16 18.60 -18.64
N GLU C 78 -11.51 19.08 -17.57
CA GLU C 78 -10.09 18.84 -17.35
C GLU C 78 -9.86 17.44 -16.78
N GLY C 79 -9.48 16.51 -17.66
CA GLY C 79 -9.24 15.14 -17.27
C GLY C 79 -7.77 14.85 -17.04
N LYS C 80 -7.48 13.65 -16.54
CA LYS C 80 -6.10 13.28 -16.25
C LYS C 80 -5.98 11.78 -16.02
N ILE C 81 -4.86 11.21 -16.46
CA ILE C 81 -4.54 9.84 -16.10
C ILE C 81 -3.12 9.80 -15.56
N VAL C 82 -2.93 9.02 -14.49
CA VAL C 82 -1.60 8.80 -13.95
C VAL C 82 -1.30 7.32 -13.95
N LEU C 83 -0.15 6.96 -14.54
CA LEU C 83 0.26 5.58 -14.62
C LEU C 83 1.52 5.40 -13.80
N VAL C 84 1.65 4.25 -13.15
CA VAL C 84 2.83 3.99 -12.34
C VAL C 84 3.44 2.64 -12.72
N TYR C 85 4.76 2.60 -12.86
CA TYR C 85 5.48 1.36 -13.13
C TYR C 85 5.90 0.77 -11.80
N ARG C 86 5.13 -0.21 -11.31
CA ARG C 86 5.35 -0.69 -9.96
C ARG C 86 5.27 -2.21 -9.83
N ARG C 87 5.79 -2.69 -8.71
CA ARG C 87 5.74 -4.10 -8.34
C ARG C 87 5.11 -4.22 -6.97
N THR C 88 3.99 -4.93 -6.88
CA THR C 88 3.31 -5.08 -5.60
C THR C 88 4.24 -5.75 -4.59
N SER C 89 4.37 -5.14 -3.41
CA SER C 89 5.27 -5.63 -2.37
C SER C 89 4.63 -6.72 -1.53
N PHE C 90 5.46 -7.52 -0.84
CA PHE C 90 4.93 -8.52 0.07
C PHE C 90 3.98 -7.90 1.10
N ALA C 91 4.41 -6.78 1.70
CA ALA C 91 3.60 -6.11 2.71
C ALA C 91 2.20 -5.78 2.19
N GLU C 92 2.13 -5.37 0.93
CA GLU C 92 0.84 -5.02 0.33
C GLU C 92 -0.03 -6.27 0.18
N TYR C 93 0.56 -7.36 -0.29
CA TYR C 93 -0.16 -8.62 -0.36
C TYR C 93 -0.64 -9.10 1.02
N TRP C 94 0.28 -9.09 1.98
CA TRP C 94 0.00 -9.63 3.29
C TRP C 94 -1.10 -8.85 4.02
N ASN C 95 -1.09 -7.53 3.84
CA ASN C 95 -2.07 -6.66 4.45
C ASN C 95 -3.51 -7.05 4.08
N LEU C 96 -3.69 -7.61 2.89
CA LEU C 96 -5.03 -7.95 2.41
C LEU C 96 -5.66 -9.16 3.13
N LEU C 97 -4.86 -9.90 3.91
CA LEU C 97 -5.37 -11.01 4.70
C LEU C 97 -6.15 -10.51 5.90
N SER C 98 -5.97 -9.23 6.21
CA SER C 98 -6.72 -8.56 7.27
C SER C 98 -7.46 -7.39 6.65
N PRO C 99 -8.57 -7.68 5.97
CA PRO C 99 -9.26 -6.66 5.18
C PRO C 99 -9.79 -5.52 6.05
N ASP C 100 -9.65 -4.30 5.55
CA ASP C 100 -10.21 -3.14 6.23
C ASP C 100 -11.73 -3.07 6.01
N ARG C 101 -12.44 -2.57 7.02
CA ARG C 101 -13.87 -2.31 6.87
C ARG C 101 -14.06 -1.35 5.70
N THR C 102 -15.08 -1.61 4.89
CA THR C 102 -15.36 -0.76 3.73
C THR C 102 -16.82 -0.31 3.70
N PHE C 103 -17.07 0.82 3.07
CA PHE C 103 -18.43 1.30 2.87
C PHE C 103 -18.65 1.54 1.39
N THR C 104 -19.71 0.94 0.85
CA THR C 104 -19.96 1.00 -0.58
C THR C 104 -21.36 1.49 -0.91
N LEU C 105 -21.44 2.43 -1.84
CA LEU C 105 -22.71 3.01 -2.23
C LEU C 105 -22.76 3.19 -3.74
N LYS C 106 -23.66 2.47 -4.41
CA LYS C 106 -23.92 2.72 -5.82
C LYS C 106 -24.79 3.97 -5.93
N VAL C 107 -24.48 4.83 -6.89
CA VAL C 107 -25.16 6.11 -6.99
C VAL C 107 -25.57 6.43 -8.40
N ASN C 108 -26.86 6.37 -8.68
CA ASN C 108 -27.36 6.71 -10.01
C ASN C 108 -27.58 8.20 -10.08
N VAL C 109 -26.72 8.87 -10.84
CA VAL C 109 -26.80 10.30 -11.01
C VAL C 109 -27.67 10.63 -12.22
N GLN C 110 -28.69 11.45 -12.00
CA GLN C 110 -29.56 11.89 -13.09
C GLN C 110 -29.31 13.35 -13.41
N MET D 4 -32.56 11.24 4.92
CA MET D 4 -31.78 12.45 4.74
C MET D 4 -30.30 12.13 4.52
N SER D 5 -29.67 11.54 5.53
CA SER D 5 -28.26 11.17 5.43
C SER D 5 -28.11 9.65 5.50
N LEU D 6 -27.10 9.13 4.81
CA LEU D 6 -26.84 7.70 4.82
C LEU D 6 -25.89 7.35 5.95
N THR D 7 -26.02 6.14 6.49
CA THR D 7 -25.16 5.68 7.56
C THR D 7 -24.70 4.27 7.25
N GLU D 8 -24.10 3.61 8.23
CA GLU D 8 -23.58 2.25 8.05
C GLU D 8 -24.63 1.29 7.51
N ASP D 9 -25.90 1.52 7.85
CA ASP D 9 -26.98 0.63 7.43
C ASP D 9 -27.26 0.72 5.93
N ASN D 10 -26.77 1.75 5.28
CA ASN D 10 -26.96 1.88 3.85
C ASN D 10 -25.83 1.26 3.05
N ASN D 11 -24.94 0.56 3.74
CA ASN D 11 -23.81 -0.10 3.08
C ASN D 11 -24.32 -1.08 2.02
N ASN D 12 -23.71 -1.01 0.84
CA ASN D 12 -24.06 -1.86 -0.31
C ASN D 12 -25.49 -1.67 -0.80
N THR D 13 -25.95 -0.43 -0.85
CA THR D 13 -27.23 -0.12 -1.46
C THR D 13 -27.04 0.81 -2.64
N THR D 14 -28.15 1.13 -3.30
CA THR D 14 -28.15 2.03 -4.44
C THR D 14 -29.04 3.23 -4.13
N ILE D 15 -28.56 4.43 -4.42
CA ILE D 15 -29.39 5.62 -4.26
C ILE D 15 -29.43 6.39 -5.56
N THR D 16 -30.39 7.30 -5.65
CA THR D 16 -30.50 8.18 -6.79
C THR D 16 -30.28 9.62 -6.35
N ILE D 17 -29.50 10.36 -7.12
CA ILE D 17 -29.34 11.79 -6.89
C ILE D 17 -29.30 12.56 -8.20
N ALA D 18 -29.60 13.85 -8.14
CA ALA D 18 -29.53 14.70 -9.31
C ALA D 18 -28.09 15.13 -9.53
N LYS D 19 -27.71 15.30 -10.79
CA LYS D 19 -26.43 15.91 -11.10
C LYS D 19 -26.34 17.28 -10.45
N GLY D 20 -25.34 17.48 -9.58
CA GLY D 20 -25.20 18.73 -8.88
C GLY D 20 -25.83 18.73 -7.49
N GLU D 21 -26.61 17.68 -7.18
CA GLU D 21 -27.17 17.52 -5.84
C GLU D 21 -26.13 16.97 -4.86
N ASN D 22 -26.14 17.47 -3.63
CA ASN D 22 -25.28 16.95 -2.57
C ASN D 22 -26.02 15.97 -1.69
N LYS D 23 -25.29 15.00 -1.17
N LYS D 23 -25.31 14.96 -1.21
CA LYS D 23 -25.84 14.00 -0.27
CA LYS D 23 -25.86 14.05 -0.21
C LYS D 23 -24.77 13.60 0.75
C LYS D 23 -24.77 13.77 0.79
N GLU D 24 -25.17 13.35 1.99
CA GLU D 24 -24.22 13.15 3.06
C GLU D 24 -24.20 11.72 3.61
N ILE D 25 -23.00 11.16 3.70
CA ILE D 25 -22.76 9.90 4.36
C ILE D 25 -22.11 10.18 5.71
N ILE D 26 -22.60 9.57 6.77
CA ILE D 26 -22.01 9.77 8.08
C ILE D 26 -21.65 8.42 8.69
N LEU D 27 -20.38 8.27 9.05
CA LEU D 27 -19.89 7.01 9.60
C LEU D 27 -19.10 7.25 10.86
N HIS D 28 -19.34 6.41 11.87
N HIS D 28 -19.33 6.45 11.89
CA HIS D 28 -18.57 6.42 13.11
CA HIS D 28 -18.57 6.62 13.11
C HIS D 28 -17.09 6.16 12.81
C HIS D 28 -17.14 6.14 12.90
N GLY D 29 -16.21 6.82 13.56
CA GLY D 29 -14.80 6.55 13.43
C GLY D 29 -14.09 7.04 14.69
N ASN D 30 -12.91 6.48 14.94
CA ASN D 30 -12.10 6.91 16.07
C ASN D 30 -10.64 7.11 15.67
N PRO D 31 -10.32 8.29 15.15
CA PRO D 31 -8.98 8.58 14.62
C PRO D 31 -7.86 8.60 15.67
N THR D 32 -8.18 8.50 16.96
CA THR D 32 -7.12 8.41 17.97
C THR D 32 -6.39 7.07 17.87
N THR D 33 -6.98 6.11 17.16
CA THR D 33 -6.34 4.82 16.92
C THR D 33 -5.41 4.89 15.72
N GLY D 34 -5.52 5.96 14.96
CA GLY D 34 -4.78 6.10 13.73
C GLY D 34 -5.57 5.72 12.49
N TYR D 35 -6.70 5.04 12.67
CA TYR D 35 -7.61 4.75 11.55
C TYR D 35 -8.43 5.96 11.16
N SER D 36 -8.79 6.05 9.89
CA SER D 36 -9.74 7.06 9.44
C SER D 36 -10.51 6.56 8.22
N TRP D 37 -11.68 7.15 7.96
CA TRP D 37 -12.41 6.85 6.74
C TRP D 37 -11.84 7.66 5.58
N VAL D 38 -11.50 6.96 4.50
CA VAL D 38 -10.90 7.60 3.33
C VAL D 38 -11.59 7.07 2.07
N VAL D 39 -11.62 7.89 1.03
CA VAL D 39 -12.23 7.47 -0.24
C VAL D 39 -11.29 6.54 -0.99
N ASP D 40 -11.66 5.29 -1.13
CA ASP D 40 -10.82 4.33 -1.83
C ASP D 40 -10.97 4.48 -3.33
N SER D 41 -12.21 4.62 -3.80
CA SER D 41 -12.47 4.93 -5.20
C SER D 41 -13.83 5.58 -5.36
N SER D 42 -14.03 6.23 -6.50
CA SER D 42 -15.33 6.75 -6.84
C SER D 42 -15.48 6.88 -8.35
N GLU D 43 -16.72 7.09 -8.79
CA GLU D 43 -17.00 7.39 -10.19
C GLU D 43 -18.29 8.20 -10.26
N GLY D 44 -18.28 9.24 -11.08
CA GLY D 44 -19.49 10.03 -11.30
C GLY D 44 -19.79 11.01 -10.17
N LEU D 45 -18.83 11.14 -9.24
CA LEU D 45 -19.05 11.97 -8.05
C LEU D 45 -17.83 12.80 -7.67
N SER D 46 -18.06 13.94 -7.03
CA SER D 46 -17.00 14.61 -6.28
C SER D 46 -17.32 14.45 -4.80
N ASN D 47 -16.33 14.68 -3.94
CA ASN D 47 -16.58 14.48 -2.53
C ASN D 47 -15.70 15.32 -1.63
N THR D 48 -16.12 15.46 -0.38
CA THR D 48 -15.28 15.98 0.68
C THR D 48 -15.45 15.08 1.90
N VAL D 49 -14.37 14.92 2.66
CA VAL D 49 -14.41 14.15 3.89
C VAL D 49 -13.99 15.04 5.05
N GLU D 50 -14.78 15.04 6.12
CA GLU D 50 -14.51 15.83 7.31
C GLU D 50 -14.72 14.98 8.56
N TYR D 51 -13.83 15.12 9.53
CA TYR D 51 -14.03 14.50 10.83
C TYR D 51 -14.70 15.50 11.75
N VAL D 52 -15.74 15.05 12.43
CA VAL D 52 -16.44 15.89 13.41
C VAL D 52 -16.47 15.15 14.72
N ALA D 53 -15.80 15.70 15.71
CA ALA D 53 -15.73 15.07 17.03
C ALA D 53 -17.12 15.01 17.66
N ASP D 54 -17.42 13.91 18.35
CA ASP D 54 -18.61 13.87 19.19
C ASP D 54 -18.43 14.84 20.36
N GLN D 55 -19.31 15.84 20.44
CA GLN D 55 -19.13 16.94 21.39
C GLN D 55 -19.65 16.66 22.81
N HIS D 56 -20.34 15.55 23.01
CA HIS D 56 -20.90 15.25 24.34
C HIS D 56 -20.37 13.95 24.92
N SER D 63 -16.50 7.68 22.78
CA SER D 63 -15.20 7.99 22.18
C SER D 63 -15.33 8.26 20.68
N GLY D 64 -14.39 9.05 20.17
CA GLY D 64 -14.31 9.28 18.73
C GLY D 64 -15.32 10.29 18.21
N GLY D 65 -15.75 10.09 16.98
CA GLY D 65 -16.63 11.03 16.34
C GLY D 65 -17.17 10.45 15.06
N LYS D 66 -17.50 11.33 14.13
CA LYS D 66 -18.13 10.89 12.90
C LYS D 66 -17.47 11.52 11.68
N TYR D 67 -17.28 10.71 10.66
CA TYR D 67 -16.80 11.22 9.38
C TYR D 67 -17.99 11.58 8.53
N HIS D 68 -17.97 12.79 8.02
CA HIS D 68 -19.00 13.28 7.12
C HIS D 68 -18.43 13.25 5.72
N ILE D 69 -18.96 12.37 4.89
CA ILE D 69 -18.53 12.32 3.50
C ILE D 69 -19.63 12.89 2.63
N LYS D 70 -19.41 14.10 2.14
CA LYS D 70 -20.38 14.79 1.31
C LYS D 70 -20.12 14.47 -0.14
N ILE D 71 -21.08 13.85 -0.80
CA ILE D 71 -20.91 13.54 -2.22
C ILE D 71 -21.79 14.44 -3.07
N THR D 72 -21.33 14.73 -4.28
CA THR D 72 -22.08 15.52 -5.24
C THR D 72 -22.07 14.80 -6.59
N GLY D 73 -23.25 14.59 -7.17
CA GLY D 73 -23.34 13.99 -8.49
C GLY D 73 -22.74 14.93 -9.52
N THR D 74 -21.74 14.44 -10.26
CA THR D 74 -21.01 15.30 -11.18
C THR D 74 -21.12 14.82 -12.63
N GLN D 75 -21.35 13.53 -12.84
CA GLN D 75 -21.68 13.04 -14.17
C GLN D 75 -22.87 12.08 -14.13
N THR D 76 -23.81 12.31 -15.04
CA THR D 76 -24.98 11.46 -15.20
C THR D 76 -24.55 10.04 -15.55
N GLY D 77 -25.20 9.05 -14.93
CA GLY D 77 -24.85 7.67 -15.16
C GLY D 77 -24.74 6.90 -13.86
N GLU D 78 -24.35 5.64 -13.95
CA GLU D 78 -24.22 4.80 -12.77
C GLU D 78 -22.88 5.05 -12.09
N GLY D 79 -22.90 5.85 -11.02
CA GLY D 79 -21.70 6.14 -10.27
C GLY D 79 -21.55 5.25 -9.06
N LYS D 80 -20.51 5.49 -8.28
CA LYS D 80 -20.19 4.60 -7.17
C LYS D 80 -19.19 5.29 -6.25
N ILE D 81 -19.27 5.00 -4.96
CA ILE D 81 -18.22 5.43 -4.05
C ILE D 81 -17.88 4.30 -3.09
N VAL D 82 -16.59 4.08 -2.90
CA VAL D 82 -16.11 3.08 -1.97
C VAL D 82 -15.23 3.77 -0.95
N LEU D 83 -15.58 3.61 0.32
CA LEU D 83 -14.82 4.18 1.42
C LEU D 83 -14.20 3.05 2.21
N VAL D 84 -13.01 3.28 2.74
CA VAL D 84 -12.35 2.27 3.53
C VAL D 84 -11.84 2.86 4.85
N TYR D 85 -12.03 2.12 5.94
CA TYR D 85 -11.56 2.52 7.26
C TYR D 85 -10.19 1.92 7.46
N ARG D 86 -9.14 2.70 7.21
CA ARG D 86 -7.78 2.15 7.19
C ARG D 86 -6.77 2.99 7.96
N ARG D 87 -5.62 2.40 8.21
CA ARG D 87 -4.50 3.07 8.86
C ARG D 87 -3.25 2.78 8.03
N THR D 88 -2.60 3.84 7.53
CA THR D 88 -1.43 3.64 6.70
C THR D 88 -0.35 2.89 7.50
N SER D 89 0.25 1.87 6.90
CA SER D 89 1.21 1.02 7.60
C SER D 89 2.62 1.60 7.49
N PHE D 90 3.51 1.20 8.40
CA PHE D 90 4.91 1.58 8.26
C PHE D 90 5.45 1.23 6.87
N ALA D 91 5.15 0.02 6.40
CA ALA D 91 5.64 -0.41 5.10
C ALA D 91 5.22 0.56 3.99
N GLU D 92 3.98 1.03 4.05
CA GLU D 92 3.48 1.98 3.05
C GLU D 92 4.23 3.32 3.10
N TYR D 93 4.44 3.87 4.29
CA TYR D 93 5.23 5.09 4.44
C TYR D 93 6.66 4.89 3.97
N TRP D 94 7.27 3.77 4.37
CA TRP D 94 8.66 3.54 4.04
C TRP D 94 8.85 3.36 2.53
N ASN D 95 7.90 2.70 1.88
CA ASN D 95 7.96 2.51 0.43
C ASN D 95 8.01 3.84 -0.31
N LEU D 96 7.35 4.85 0.25
CA LEU D 96 7.24 6.16 -0.40
C LEU D 96 8.56 6.94 -0.41
N LEU D 97 9.56 6.46 0.33
CA LEU D 97 10.89 7.07 0.28
C LEU D 97 11.55 6.78 -1.07
N SER D 98 11.11 5.71 -1.73
CA SER D 98 11.61 5.32 -3.03
C SER D 98 10.49 5.38 -4.07
N PRO D 99 10.37 6.51 -4.77
CA PRO D 99 9.21 6.71 -5.65
C PRO D 99 9.27 5.85 -6.90
N ASP D 100 8.11 5.40 -7.37
CA ASP D 100 8.04 4.59 -8.60
C ASP D 100 8.05 5.49 -9.83
N ARG D 101 8.51 4.95 -10.96
CA ARG D 101 8.44 5.69 -12.22
C ARG D 101 6.99 6.04 -12.51
N THR D 102 6.75 7.28 -12.92
CA THR D 102 5.39 7.76 -13.09
C THR D 102 5.18 8.38 -14.46
N PHE D 103 4.03 8.11 -15.08
CA PHE D 103 3.62 8.80 -16.30
C PHE D 103 2.34 9.57 -16.03
N THR D 104 2.38 10.87 -16.27
CA THR D 104 1.22 11.73 -16.02
C THR D 104 0.79 12.47 -17.29
N LEU D 105 -0.50 12.39 -17.61
CA LEU D 105 -1.02 13.06 -18.78
C LEU D 105 -2.31 13.80 -18.46
N LYS D 106 -2.28 15.12 -18.59
CA LYS D 106 -3.50 15.92 -18.45
C LYS D 106 -4.25 15.91 -19.78
N VAL D 107 -5.57 15.73 -19.71
CA VAL D 107 -6.37 15.62 -20.92
C VAL D 107 -7.59 16.53 -20.86
N ASN D 108 -7.59 17.58 -21.69
CA ASN D 108 -8.76 18.44 -21.81
C ASN D 108 -9.79 17.80 -22.72
N VAL D 109 -10.93 17.42 -22.15
CA VAL D 109 -11.99 16.80 -22.93
C VAL D 109 -12.99 17.86 -23.41
N GLN D 110 -13.10 18.01 -24.72
CA GLN D 110 -13.96 19.02 -25.32
C GLN D 110 -15.14 18.38 -26.04
CL CL E . -1.54 -15.16 27.24
CL CL F . 1.91 -12.73 -10.32
S SO4 G . 11.44 17.15 4.71
S SO4 G . 9.71 16.42 2.36
O1 SO4 G . 11.19 16.48 3.44
O1 SO4 G . 9.98 17.16 3.59
O2 SO4 G . 12.33 16.35 5.54
O2 SO4 G . 8.77 15.32 2.64
O3 SO4 G . 12.06 18.45 4.48
O3 SO4 G . 10.95 15.86 1.85
O4 SO4 G . 10.17 17.34 5.43
O4 SO4 G . 9.13 17.32 1.37
CL CL H . 31.82 -5.01 -0.43
CL CL I . 8.56 -3.93 6.00
CL CL J . 12.82 18.21 9.13
CL CL K . -0.60 11.58 11.08
S SO4 L . -14.91 10.38 -13.16
O1 SO4 L . -13.84 10.11 -14.12
O2 SO4 L . -15.95 9.36 -13.26
O3 SO4 L . -14.34 10.37 -11.81
O4 SO4 L . -15.49 11.70 -13.45
CL CL M . -30.35 -1.42 -2.98
C1 GOL N . -22.77 14.14 -18.50
O1 GOL N . -23.19 14.38 -17.18
C2 GOL N . -21.39 14.78 -18.72
O2 GOL N . -21.47 16.18 -18.51
C3 GOL N . -20.92 14.51 -20.15
O3 GOL N . -19.84 15.37 -20.46
#